data_5L9Z
#
_entry.id   5L9Z
#
_cell.length_a   46.190
_cell.length_b   71.050
_cell.length_c   78.690
_cell.angle_alpha   90.00
_cell.angle_beta   95.20
_cell.angle_gamma   90.00
#
_symmetry.space_group_name_H-M   'P 1 21 1'
#
loop_
_entity.id
_entity.type
_entity.pdbx_description
1 polymer Heparanase
2 polymer Heparanase
3 non-polymer 2-acetamido-2-deoxy-beta-D-glucopyranose
4 non-polymer 1,2-ETHANEDIOL
5 non-polymer 'CHLORIDE ION'
6 non-polymer '(1~{R},2~{S},3~{R},4~{S},5~{S},6~{R})-7-[8-[(azanylidene-{4}-azanylidene)amino]octyl]-3,4,5-tris(oxidanyl)-7-azabicyclo[4.1.0]heptane-2-carboxylic acid'
7 water water
#
loop_
_entity_poly.entity_id
_entity_poly.type
_entity_poly.pdbx_seq_one_letter_code
_entity_poly.pdbx_strand_id
1 'polypeptide(L)'
;DPGKKFKNSTYSRSSVDVLYTFANCSGLDLIFGLNALLRTADLQWNSSNAQLLLDYCSSKGYNISWELGNEPNSFLKKAD
IFINGSQLGEDFIQLHKLLRKSTFKNAKLYGPDVGQPRRKTAKMLKSFLKAGGEVIDSVTWHHYYLNGRTATREDFLNPD
VLDIFISSVQKVFQVVESTRPGKKVWLGQTSSAYGGGAPLLSDTFAAGFMWLDKLGLSARMGIEVVMRQVFFGAGNYHLV
DENFDPLPDYWLSLLFKKLVGTKVLMASVQGSKRRKLRVYLHCTNTDNPRYKEGDLTLYAINLHNVTKYLRLPYPFSNKQ
VDKYLLRPLGPHGLLSKSVQLNGLTLKMVDDQTLPPLMEKPLRPGSSLGLPAFSYSFFVIRNAKVAACI
;
A
2 'polypeptide(L)' DPGQDVVDLDFFTQEPLHLVSPSFLSVTIDANLATDPRFLILLGSPKLRTLARGLSPAYLRFGGTKTDFLIFDPKKE B
#
# COMPACT_ATOMS: atom_id res chain seq x y z
N LYS A 5 -21.58 -8.57 15.45
CA LYS A 5 -21.51 -7.17 14.95
C LYS A 5 -21.73 -7.06 13.42
N PHE A 6 -21.24 -8.05 12.65
CA PHE A 6 -21.29 -8.03 11.18
C PHE A 6 -22.46 -8.82 10.60
N LYS A 7 -23.26 -8.14 9.79
CA LYS A 7 -24.50 -8.67 9.20
C LYS A 7 -24.35 -8.71 7.68
N ASN A 8 -25.02 -9.66 7.04
CA ASN A 8 -25.07 -9.74 5.58
C ASN A 8 -25.74 -8.51 4.96
N SER A 9 -25.21 -8.03 3.84
CA SER A 9 -25.81 -6.93 3.06
C SER A 9 -25.77 -7.36 1.63
N THR A 10 -26.61 -6.77 0.79
CA THR A 10 -26.53 -7.01 -0.65
C THR A 10 -25.99 -5.81 -1.37
N TYR A 11 -25.50 -6.04 -2.57
CA TYR A 11 -25.07 -4.96 -3.44
C TYR A 11 -25.55 -5.20 -4.85
N SER A 12 -25.67 -4.12 -5.60
CA SER A 12 -26.34 -4.13 -6.88
C SER A 12 -25.38 -4.06 -8.04
N ARG A 13 -25.91 -4.28 -9.23
CA ARG A 13 -25.19 -3.98 -10.45
C ARG A 13 -24.72 -2.53 -10.49
N SER A 14 -25.56 -1.59 -10.05
CA SER A 14 -25.17 -0.17 -10.03
C SER A 14 -23.87 0.02 -9.23
N SER A 15 -23.82 -0.61 -8.07
CA SER A 15 -22.67 -0.49 -7.17
C SER A 15 -21.41 -1.01 -7.85
N VAL A 16 -21.54 -2.15 -8.50
CA VAL A 16 -20.43 -2.75 -9.26
C VAL A 16 -20.02 -1.78 -10.36
N ASP A 17 -20.98 -1.24 -11.09
CA ASP A 17 -20.64 -0.21 -12.09
C ASP A 17 -19.95 1.06 -11.55
N VAL A 18 -20.42 1.55 -10.41
CA VAL A 18 -19.83 2.73 -9.73
C VAL A 18 -18.33 2.46 -9.42
N LEU A 19 -18.08 1.28 -8.88
CA LEU A 19 -16.72 0.89 -8.52
C LEU A 19 -15.80 0.73 -9.75
N TYR A 20 -16.24 -0.03 -10.76
CA TYR A 20 -15.47 -0.22 -11.98
C TYR A 20 -15.22 1.08 -12.71
N THR A 21 -16.25 1.95 -12.82
CA THR A 21 -16.06 3.19 -13.57
C THR A 21 -15.09 4.12 -12.85
N PHE A 22 -15.18 4.16 -11.52
CA PHE A 22 -14.19 4.88 -10.69
C PHE A 22 -12.78 4.41 -11.00
N ALA A 23 -12.56 3.11 -10.93
CA ALA A 23 -11.25 2.53 -11.23
C ALA A 23 -10.80 2.82 -12.67
N ASN A 24 -11.66 2.49 -13.63
CA ASN A 24 -11.35 2.67 -15.05
C ASN A 24 -10.99 4.11 -15.42
N CYS A 25 -11.79 5.05 -14.95
CA CYS A 25 -11.62 6.51 -15.23
C CYS A 25 -10.39 7.06 -14.55
N SER A 26 -9.93 6.35 -13.53
CA SER A 26 -8.83 6.84 -12.72
C SER A 26 -7.49 6.19 -13.09
N GLY A 27 -7.51 5.27 -14.03
CA GLY A 27 -6.37 4.49 -14.46
C GLY A 27 -5.90 3.49 -13.41
N LEU A 28 -6.83 3.01 -12.59
CA LEU A 28 -6.50 1.99 -11.60
C LEU A 28 -6.97 0.62 -12.05
N ASP A 29 -6.30 -0.42 -11.54
CA ASP A 29 -6.67 -1.81 -11.87
C ASP A 29 -7.46 -2.41 -10.73
N LEU A 30 -8.74 -2.74 -10.94
CA LEU A 30 -9.59 -3.21 -9.88
C LEU A 30 -9.35 -4.65 -9.47
N ILE A 31 -9.19 -4.88 -8.15
CA ILE A 31 -9.16 -6.20 -7.55
C ILE A 31 -10.42 -6.29 -6.65
N PHE A 32 -11.26 -7.30 -6.89
CA PHE A 32 -12.51 -7.49 -6.17
C PHE A 32 -12.52 -8.70 -5.27
N GLY A 33 -12.71 -8.48 -3.97
CA GLY A 33 -12.76 -9.58 -3.02
C GLY A 33 -14.14 -10.25 -2.99
N LEU A 34 -14.16 -11.53 -3.31
CA LEU A 34 -15.39 -12.33 -3.24
C LEU A 34 -15.66 -12.84 -1.84
N ASN A 35 -16.93 -13.10 -1.55
CA ASN A 35 -17.37 -13.59 -0.22
C ASN A 35 -17.06 -15.07 -0.05
N ALA A 36 -16.19 -15.41 0.89
CA ALA A 36 -15.80 -16.78 1.15
C ALA A 36 -16.63 -17.47 2.22
N LEU A 37 -17.59 -16.76 2.81
CA LEU A 37 -18.38 -17.32 3.92
C LEU A 37 -19.71 -17.92 3.42
N LEU A 38 -19.90 -17.92 2.11
CA LEU A 38 -21.01 -18.64 1.47
C LEU A 38 -20.55 -20.08 1.36
N ARG A 39 -21.18 -20.93 2.17
CA ARG A 39 -20.73 -22.29 2.43
C ARG A 39 -21.84 -23.33 2.18
N THR A 40 -21.48 -24.46 1.59
CA THR A 40 -22.38 -25.61 1.47
C THR A 40 -22.50 -26.31 2.82
N ALA A 41 -23.35 -27.33 2.89
CA ALA A 41 -23.52 -28.12 4.13
C ALA A 41 -22.22 -28.77 4.62
N ASP A 42 -21.41 -29.32 3.71
CA ASP A 42 -20.07 -29.87 4.08
C ASP A 42 -18.90 -28.82 4.16
N LEU A 43 -19.25 -27.55 4.38
CA LEU A 43 -18.29 -26.44 4.44
C LEU A 43 -17.37 -26.25 3.24
N GLN A 44 -17.80 -26.71 2.06
CA GLN A 44 -17.16 -26.29 0.80
C GLN A 44 -17.62 -24.87 0.49
N TRP A 45 -16.82 -24.12 -0.27
CA TRP A 45 -17.29 -22.81 -0.71
C TRP A 45 -18.42 -23.03 -1.74
N ASN A 46 -19.53 -22.33 -1.51
CA ASN A 46 -20.62 -22.24 -2.47
C ASN A 46 -20.34 -21.07 -3.39
N SER A 47 -19.97 -21.42 -4.61
CA SER A 47 -19.61 -20.47 -5.66
C SER A 47 -20.75 -19.85 -6.47
N SER A 48 -22.00 -20.22 -6.20
CA SER A 48 -23.15 -19.75 -7.01
C SER A 48 -23.26 -18.23 -7.11
N ASN A 49 -23.06 -17.50 -6.01
CA ASN A 49 -23.20 -16.04 -6.05
C ASN A 49 -22.03 -15.43 -6.84
N ALA A 50 -20.81 -15.93 -6.60
CA ALA A 50 -19.65 -15.50 -7.38
C ALA A 50 -19.86 -15.69 -8.89
N GLN A 51 -20.45 -16.83 -9.25
CA GLN A 51 -20.78 -17.12 -10.65
C GLN A 51 -21.70 -16.06 -11.21
N LEU A 52 -22.67 -15.61 -10.43
CA LEU A 52 -23.54 -14.54 -10.90
C LEU A 52 -22.74 -13.27 -11.19
N LEU A 53 -21.89 -12.89 -10.24
CA LEU A 53 -21.08 -11.68 -10.43
C LEU A 53 -20.10 -11.82 -11.62
N LEU A 54 -19.45 -12.96 -11.74
CA LEU A 54 -18.48 -13.16 -12.82
C LEU A 54 -19.19 -12.98 -14.15
N ASP A 55 -20.38 -13.55 -14.26
CA ASP A 55 -21.10 -13.48 -15.51
C ASP A 55 -21.46 -12.07 -15.84
N TYR A 56 -21.98 -11.34 -14.85
CA TYR A 56 -22.30 -9.93 -15.04
C TYR A 56 -21.10 -9.11 -15.49
N CYS A 57 -19.99 -9.26 -14.76
CA CYS A 57 -18.79 -8.49 -15.12
C CYS A 57 -18.29 -8.83 -16.51
N SER A 58 -18.34 -10.11 -16.88
CA SER A 58 -17.93 -10.53 -18.24
C SER A 58 -18.87 -9.94 -19.28
N SER A 59 -20.16 -9.92 -18.96
CA SER A 59 -21.19 -9.26 -19.81
C SER A 59 -20.93 -7.79 -20.10
N LYS A 60 -20.31 -7.08 -19.15
CA LYS A 60 -20.00 -5.67 -19.29
C LYS A 60 -18.59 -5.40 -19.83
N GLY A 61 -17.79 -6.45 -20.07
CA GLY A 61 -16.43 -6.31 -20.51
C GLY A 61 -15.48 -5.75 -19.45
N TYR A 62 -15.77 -6.04 -18.19
CA TYR A 62 -14.97 -5.52 -17.08
C TYR A 62 -13.72 -6.39 -16.89
N ASN A 63 -12.52 -5.82 -17.05
CA ASN A 63 -11.27 -6.54 -16.81
C ASN A 63 -10.96 -6.40 -15.30
N ILE A 64 -11.19 -7.47 -14.56
CA ILE A 64 -11.13 -7.38 -13.10
C ILE A 64 -10.23 -8.53 -12.64
N SER A 65 -9.47 -8.31 -11.55
CA SER A 65 -8.75 -9.37 -10.86
C SER A 65 -9.50 -9.72 -9.57
N TRP A 66 -9.27 -10.93 -9.06
CA TRP A 66 -10.10 -11.46 -8.01
C TRP A 66 -9.32 -11.89 -6.76
N GLU A 67 -9.99 -11.77 -5.63
CA GLU A 67 -9.62 -12.39 -4.37
C GLU A 67 -10.80 -13.17 -3.80
N LEU A 68 -10.55 -14.01 -2.79
CA LEU A 68 -11.63 -14.75 -2.15
C LEU A 68 -11.40 -14.77 -0.64
N GLY A 69 -12.25 -14.05 0.08
CA GLY A 69 -12.14 -13.90 1.51
C GLY A 69 -11.17 -12.78 1.93
N ASN A 70 -11.42 -12.24 3.12
CA ASN A 70 -10.60 -11.25 3.79
C ASN A 70 -10.32 -11.75 5.21
N GLU A 71 -9.04 -11.88 5.59
CA GLU A 71 -8.67 -12.29 6.93
C GLU A 71 -9.43 -13.56 7.36
N PRO A 72 -9.22 -14.65 6.62
CA PRO A 72 -9.89 -15.87 6.98
C PRO A 72 -9.40 -16.42 8.34
N ASN A 73 -8.23 -15.98 8.83
CA ASN A 73 -7.80 -16.32 10.19
C ASN A 73 -8.79 -15.93 11.31
N SER A 74 -9.60 -14.90 11.04
N SER A 74 -9.63 -14.93 11.08
CA SER A 74 -10.59 -14.32 11.96
CA SER A 74 -10.58 -14.48 12.11
C SER A 74 -12.04 -14.81 11.78
C SER A 74 -12.05 -14.80 11.77
N PHE A 75 -12.29 -15.72 10.83
CA PHE A 75 -13.68 -16.14 10.53
C PHE A 75 -14.41 -16.71 11.77
N LEU A 76 -13.68 -17.41 12.64
CA LEU A 76 -14.37 -17.98 13.81
C LEU A 76 -14.90 -16.86 14.71
N LYS A 77 -14.06 -15.88 15.03
CA LYS A 77 -14.47 -14.73 15.83
C LYS A 77 -15.57 -13.91 15.17
N LYS A 78 -15.48 -13.71 13.86
CA LYS A 78 -16.38 -12.79 13.12
C LYS A 78 -17.72 -13.41 12.77
N ALA A 79 -17.74 -14.73 12.57
CA ALA A 79 -18.89 -15.42 12.01
C ALA A 79 -19.14 -16.80 12.59
N ASP A 80 -18.44 -17.18 13.67
CA ASP A 80 -18.55 -18.54 14.26
C ASP A 80 -18.46 -19.69 13.26
N ILE A 81 -17.58 -19.54 12.26
CA ILE A 81 -17.32 -20.56 11.26
C ILE A 81 -15.81 -20.69 11.18
N PHE A 82 -15.27 -21.90 11.29
CA PHE A 82 -13.83 -22.08 11.10
C PHE A 82 -13.59 -22.76 9.76
N ILE A 83 -12.77 -22.14 8.92
CA ILE A 83 -12.37 -22.73 7.64
C ILE A 83 -10.87 -22.91 7.72
N ASN A 84 -10.37 -24.13 7.62
CA ASN A 84 -8.93 -24.33 7.70
C ASN A 84 -8.26 -23.98 6.37
N GLY A 85 -6.95 -23.83 6.44
CA GLY A 85 -6.23 -23.37 5.28
C GLY A 85 -6.25 -24.34 4.12
N SER A 86 -6.31 -25.61 4.43
CA SER A 86 -6.44 -26.63 3.35
C SER A 86 -7.74 -26.49 2.55
N GLN A 87 -8.84 -26.34 3.27
CA GLN A 87 -10.15 -26.14 2.63
C GLN A 87 -10.16 -24.86 1.81
N LEU A 88 -9.57 -23.80 2.38
CA LEU A 88 -9.52 -22.52 1.67
C LEU A 88 -8.79 -22.66 0.37
N GLY A 89 -7.70 -23.42 0.38
CA GLY A 89 -6.97 -23.67 -0.81
C GLY A 89 -7.80 -24.34 -1.89
N GLU A 90 -8.58 -25.35 -1.49
N GLU A 90 -8.58 -25.35 -1.50
CA GLU A 90 -9.52 -26.03 -2.41
CA GLU A 90 -9.46 -26.03 -2.47
C GLU A 90 -10.53 -25.04 -2.98
C GLU A 90 -10.54 -25.05 -2.98
N ASP A 91 -11.02 -24.14 -2.13
CA ASP A 91 -11.98 -23.12 -2.52
C ASP A 91 -11.41 -22.22 -3.61
N PHE A 92 -10.14 -21.84 -3.44
CA PHE A 92 -9.41 -21.09 -4.46
C PHE A 92 -9.25 -21.83 -5.78
N ILE A 93 -8.94 -23.13 -5.69
CA ILE A 93 -8.88 -23.97 -6.89
C ILE A 93 -10.23 -23.93 -7.58
N GLN A 94 -11.32 -24.03 -6.83
CA GLN A 94 -12.65 -23.96 -7.48
C GLN A 94 -12.93 -22.59 -8.11
N LEU A 95 -12.53 -21.49 -7.46
CA LEU A 95 -12.65 -20.19 -8.10
C LEU A 95 -11.80 -20.12 -9.35
N HIS A 96 -10.57 -20.68 -9.30
CA HIS A 96 -9.69 -20.61 -10.46
C HIS A 96 -10.34 -21.30 -11.69
N LYS A 97 -11.00 -22.43 -11.47
CA LYS A 97 -11.67 -23.15 -12.58
C LYS A 97 -12.79 -22.29 -13.19
N LEU A 98 -13.53 -21.56 -12.35
CA LEU A 98 -14.54 -20.61 -12.86
C LEU A 98 -13.94 -19.49 -13.67
N LEU A 99 -12.82 -18.95 -13.23
CA LEU A 99 -12.17 -17.92 -14.01
C LEU A 99 -11.71 -18.44 -15.37
N ARG A 100 -11.17 -19.65 -15.38
CA ARG A 100 -10.65 -20.23 -16.61
C ARG A 100 -11.79 -20.48 -17.61
N LYS A 101 -13.01 -20.64 -17.12
CA LYS A 101 -14.21 -20.80 -18.01
C LYS A 101 -14.92 -19.50 -18.34
N SER A 102 -14.39 -18.36 -17.91
CA SER A 102 -15.02 -17.06 -18.13
C SER A 102 -14.44 -16.39 -19.36
N THR A 103 -14.99 -15.23 -19.72
CA THR A 103 -14.53 -14.49 -20.90
C THR A 103 -13.12 -13.94 -20.74
N PHE A 104 -12.71 -13.75 -19.47
CA PHE A 104 -11.36 -13.33 -19.13
C PHE A 104 -10.68 -14.58 -18.52
N LYS A 105 -10.27 -15.50 -19.40
CA LYS A 105 -9.72 -16.78 -18.97
C LYS A 105 -8.36 -16.66 -18.29
N ASN A 106 -7.71 -15.52 -18.47
CA ASN A 106 -6.40 -15.32 -17.88
C ASN A 106 -6.48 -14.39 -16.68
N ALA A 107 -7.67 -14.12 -16.16
CA ALA A 107 -7.80 -13.19 -14.99
C ALA A 107 -6.92 -13.66 -13.82
N LYS A 108 -6.37 -12.69 -13.08
CA LYS A 108 -5.49 -12.96 -12.00
C LYS A 108 -6.30 -13.21 -10.73
N LEU A 109 -5.69 -13.99 -9.83
CA LEU A 109 -6.27 -14.41 -8.61
C LEU A 109 -5.26 -14.25 -7.50
N TYR A 110 -5.64 -13.51 -6.44
CA TYR A 110 -4.71 -13.28 -5.31
C TYR A 110 -5.35 -13.77 -4.02
N GLY A 111 -4.54 -14.13 -3.05
CA GLY A 111 -5.03 -14.57 -1.78
C GLY A 111 -3.90 -15.02 -0.87
N PRO A 112 -4.20 -15.36 0.38
CA PRO A 112 -5.53 -15.44 0.95
C PRO A 112 -5.92 -14.26 1.83
N ASP A 113 -5.16 -13.17 1.79
CA ASP A 113 -5.50 -11.99 2.57
C ASP A 113 -5.59 -12.26 4.06
N VAL A 114 -4.62 -13.02 4.53
CA VAL A 114 -4.49 -13.28 5.96
C VAL A 114 -3.90 -12.08 6.68
N GLY A 115 -4.22 -12.02 7.96
CA GLY A 115 -3.52 -11.09 8.85
C GLY A 115 -2.07 -11.41 9.04
N GLN A 116 -1.42 -10.54 9.78
CA GLN A 116 0.00 -10.65 9.96
C GLN A 116 0.36 -11.95 10.76
N PRO A 117 1.57 -12.48 10.58
CA PRO A 117 1.78 -13.90 10.86
C PRO A 117 2.02 -14.33 12.30
N ARG A 118 1.03 -14.16 13.15
CA ARG A 118 0.91 -14.96 14.40
C ARG A 118 0.94 -16.48 14.19
N ARG A 119 1.19 -17.26 15.24
CA ARG A 119 1.29 -18.73 15.14
C ARG A 119 0.14 -19.33 14.33
N LYS A 120 -1.10 -19.01 14.72
CA LYS A 120 -2.24 -19.66 14.04
C LYS A 120 -2.42 -19.13 12.61
N THR A 121 -2.11 -17.86 12.39
CA THR A 121 -2.17 -17.33 11.03
C THR A 121 -1.12 -17.93 10.10
N ALA A 122 0.12 -18.07 10.60
CA ALA A 122 1.18 -18.68 9.81
C ALA A 122 0.83 -20.14 9.41
N LYS A 123 0.27 -20.88 10.35
CA LYS A 123 -0.23 -22.24 10.10
C LYS A 123 -1.28 -22.27 8.96
N MET A 124 -2.21 -21.34 9.01
CA MET A 124 -3.28 -21.26 8.02
C MET A 124 -2.67 -20.87 6.68
N LEU A 125 -1.75 -19.88 6.68
CA LEU A 125 -1.10 -19.53 5.43
C LEU A 125 -0.32 -20.69 4.81
N LYS A 126 0.40 -21.42 5.63
CA LYS A 126 1.18 -22.57 5.14
C LYS A 126 0.29 -23.63 4.49
N SER A 127 -0.79 -24.01 5.18
N SER A 127 -0.76 -24.02 5.19
CA SER A 127 -1.71 -25.06 4.65
CA SER A 127 -1.72 -25.04 4.68
C SER A 127 -2.48 -24.57 3.44
C SER A 127 -2.38 -24.55 3.41
N PHE A 128 -2.79 -23.27 3.42
CA PHE A 128 -3.36 -22.65 2.24
C PHE A 128 -2.41 -22.72 1.04
N LEU A 129 -1.14 -22.37 1.24
CA LEU A 129 -0.20 -22.35 0.08
C LEU A 129 0.09 -23.80 -0.41
N LYS A 130 0.16 -24.73 0.51
CA LYS A 130 0.35 -26.15 0.15
C LYS A 130 -0.77 -26.64 -0.74
N ALA A 131 -1.99 -26.33 -0.33
CA ALA A 131 -3.23 -26.76 -1.02
C ALA A 131 -3.56 -25.98 -2.27
N GLY A 132 -3.58 -24.66 -2.14
CA GLY A 132 -4.03 -23.77 -3.22
C GLY A 132 -3.01 -22.87 -3.88
N GLY A 133 -1.74 -22.99 -3.51
CA GLY A 133 -0.74 -22.06 -3.98
C GLY A 133 -0.54 -22.05 -5.45
N GLU A 134 -0.87 -23.17 -6.14
CA GLU A 134 -0.61 -23.24 -7.56
C GLU A 134 -1.49 -22.28 -8.36
N VAL A 135 -2.67 -21.93 -7.84
CA VAL A 135 -3.59 -21.12 -8.61
C VAL A 135 -3.57 -19.64 -8.28
N ILE A 136 -2.79 -19.24 -7.27
CA ILE A 136 -2.71 -17.82 -6.95
C ILE A 136 -1.51 -17.20 -7.65
N ASP A 137 -1.70 -16.01 -8.13
CA ASP A 137 -0.71 -15.26 -8.83
C ASP A 137 0.23 -14.51 -7.88
N SER A 138 -0.27 -14.09 -6.74
CA SER A 138 0.57 -13.50 -5.65
C SER A 138 -0.07 -13.88 -4.35
N VAL A 139 0.76 -13.92 -3.29
CA VAL A 139 0.32 -14.15 -1.95
C VAL A 139 0.05 -12.82 -1.27
N THR A 140 -1.14 -12.66 -0.74
CA THR A 140 -1.57 -11.42 -0.04
C THR A 140 -1.66 -11.64 1.46
N TRP A 141 -1.10 -10.67 2.20
CA TRP A 141 -1.23 -10.62 3.66
C TRP A 141 -1.40 -9.17 4.10
N HIS A 142 -1.77 -8.98 5.37
CA HIS A 142 -2.14 -7.66 5.87
C HIS A 142 -1.29 -7.28 7.03
N HIS A 143 -1.13 -5.99 7.28
CA HIS A 143 -0.33 -5.54 8.44
C HIS A 143 -0.84 -4.24 9.01
N TYR A 144 -0.85 -4.14 10.35
CA TYR A 144 -1.03 -2.87 11.04
C TYR A 144 -0.01 -2.85 12.18
N TYR A 145 0.52 -1.68 12.55
CA TYR A 145 1.43 -1.62 13.69
C TYR A 145 0.76 -1.71 15.04
N LEU A 146 -0.39 -1.04 15.17
CA LEU A 146 -0.99 -0.70 16.46
C LEU A 146 -2.49 -0.75 16.38
N ASN A 147 -3.13 -0.88 17.55
CA ASN A 147 -4.56 -0.64 17.73
C ASN A 147 -4.84 0.87 17.71
N GLY A 148 -5.68 1.32 16.79
CA GLY A 148 -5.95 2.77 16.68
C GLY A 148 -6.61 3.36 17.92
N ARG A 149 -7.30 2.51 18.68
CA ARG A 149 -7.88 2.97 19.96
C ARG A 149 -6.89 3.46 20.99
N THR A 150 -5.71 2.84 21.08
CA THR A 150 -4.75 3.14 22.13
C THR A 150 -3.41 3.69 21.67
N ALA A 151 -3.21 3.76 20.36
CA ALA A 151 -1.97 4.24 19.80
C ALA A 151 -1.68 5.67 20.28
N THR A 152 -0.44 5.95 20.56
CA THR A 152 0.01 7.27 20.93
C THR A 152 0.83 7.96 19.85
N ARG A 153 0.95 9.27 20.02
CA ARG A 153 1.90 10.06 19.26
C ARG A 153 3.28 9.49 19.31
N GLU A 154 3.70 9.15 20.53
N GLU A 154 3.80 9.14 20.50
CA GLU A 154 4.99 8.60 20.79
CA GLU A 154 5.18 8.64 20.57
C GLU A 154 5.27 7.32 19.93
C GLU A 154 5.31 7.29 19.83
N ASP A 155 4.26 6.49 19.81
CA ASP A 155 4.32 5.21 19.06
C ASP A 155 4.56 5.49 17.57
N PHE A 156 3.88 6.54 17.06
CA PHE A 156 4.02 6.88 15.63
C PHE A 156 5.44 7.34 15.25
N LEU A 157 6.21 7.75 16.27
CA LEU A 157 7.57 8.26 16.12
C LEU A 157 8.66 7.32 16.63
N ASN A 158 8.28 6.11 17.03
CA ASN A 158 9.19 5.20 17.73
C ASN A 158 9.83 4.18 16.78
N PRO A 159 11.16 4.26 16.59
CA PRO A 159 11.80 3.23 15.76
C PRO A 159 11.57 1.80 16.24
N ASP A 160 11.34 1.61 17.55
CA ASP A 160 11.10 0.28 18.06
C ASP A 160 9.76 -0.24 17.57
N VAL A 161 8.82 0.65 17.33
CA VAL A 161 7.53 0.27 16.76
C VAL A 161 7.68 0.06 15.26
N LEU A 162 8.38 0.97 14.58
CA LEU A 162 8.59 0.81 13.12
C LEU A 162 9.27 -0.54 12.82
N ASP A 163 10.25 -0.91 13.65
CA ASP A 163 11.04 -2.12 13.39
C ASP A 163 10.28 -3.41 13.49
N ILE A 164 9.13 -3.43 14.15
CA ILE A 164 8.38 -4.70 14.30
C ILE A 164 7.92 -5.25 12.95
N PHE A 165 7.75 -4.35 11.97
CA PHE A 165 7.37 -4.75 10.64
C PHE A 165 8.36 -5.72 10.00
N ILE A 166 9.66 -5.56 10.31
CA ILE A 166 10.71 -6.37 9.71
C ILE A 166 10.47 -7.84 10.04
N SER A 167 10.17 -8.14 11.33
CA SER A 167 9.91 -9.52 11.69
C SER A 167 8.66 -10.13 11.08
N SER A 168 7.62 -9.33 10.88
CA SER A 168 6.45 -9.84 10.17
C SER A 168 6.81 -10.22 8.75
N VAL A 169 7.55 -9.37 8.04
CA VAL A 169 7.90 -9.64 6.66
C VAL A 169 8.73 -10.94 6.59
N GLN A 170 9.70 -11.07 7.51
CA GLN A 170 10.58 -12.27 7.54
C GLN A 170 9.79 -13.52 7.73
N LYS A 171 8.77 -13.48 8.59
CA LYS A 171 7.94 -14.65 8.88
C LYS A 171 7.09 -15.05 7.68
N VAL A 172 6.54 -14.09 6.97
CA VAL A 172 5.79 -14.41 5.75
C VAL A 172 6.71 -15.05 4.73
N PHE A 173 7.91 -14.50 4.49
CA PHE A 173 8.80 -15.13 3.48
C PHE A 173 9.23 -16.53 3.91
N GLN A 174 9.37 -16.74 5.22
N GLN A 174 9.38 -16.76 5.23
CA GLN A 174 9.74 -18.07 5.72
CA GLN A 174 9.74 -18.10 5.71
C GLN A 174 8.66 -19.11 5.39
C GLN A 174 8.65 -19.11 5.31
N VAL A 175 7.39 -18.73 5.47
CA VAL A 175 6.28 -19.62 5.12
C VAL A 175 6.27 -19.84 3.61
N VAL A 176 6.39 -18.76 2.86
CA VAL A 176 6.31 -18.84 1.40
C VAL A 176 7.49 -19.70 0.86
N GLU A 177 8.70 -19.50 1.38
CA GLU A 177 9.87 -20.24 0.83
C GLU A 177 9.86 -21.74 1.17
N SER A 178 9.13 -22.09 2.19
CA SER A 178 8.96 -23.47 2.59
C SER A 178 7.84 -24.19 1.83
N THR A 179 7.04 -23.46 1.02
CA THR A 179 5.85 -24.03 0.37
C THR A 179 5.74 -23.75 -1.11
N ARG A 180 5.94 -22.50 -1.50
CA ARG A 180 5.81 -22.09 -2.90
C ARG A 180 6.96 -21.12 -3.21
N PRO A 181 8.20 -21.65 -3.30
CA PRO A 181 9.36 -20.76 -3.48
C PRO A 181 9.25 -19.83 -4.68
N GLY A 182 9.58 -18.56 -4.50
CA GLY A 182 9.54 -17.60 -5.59
C GLY A 182 8.20 -16.95 -5.92
N LYS A 183 7.14 -17.40 -5.30
CA LYS A 183 5.86 -16.77 -5.51
C LYS A 183 5.91 -15.33 -4.99
N LYS A 184 5.30 -14.42 -5.77
CA LYS A 184 5.33 -12.99 -5.42
C LYS A 184 4.50 -12.77 -4.14
N VAL A 185 5.02 -11.89 -3.29
CA VAL A 185 4.37 -11.58 -1.98
C VAL A 185 3.97 -10.12 -1.98
N TRP A 186 2.69 -9.87 -1.70
CA TRP A 186 2.04 -8.55 -1.72
C TRP A 186 1.47 -8.25 -0.33
N LEU A 187 1.60 -6.99 0.10
CA LEU A 187 0.78 -6.49 1.21
C LEU A 187 -0.55 -6.02 0.67
N GLY A 188 -1.56 -6.83 0.90
CA GLY A 188 -2.88 -6.67 0.33
C GLY A 188 -3.80 -5.69 0.99
N GLN A 189 -3.42 -5.24 2.19
CA GLN A 189 -4.16 -4.28 2.97
C GLN A 189 -3.27 -3.87 4.13
N THR A 190 -2.96 -2.59 4.26
CA THR A 190 -2.05 -2.17 5.30
C THR A 190 -2.20 -0.74 5.69
N SER A 191 -1.95 -0.45 6.96
N SER A 191 -1.96 -0.44 6.95
CA SER A 191 -1.94 0.90 7.44
CA SER A 191 -1.95 0.95 7.40
C SER A 191 -1.27 1.02 8.79
C SER A 191 -1.23 1.04 8.73
N SER A 192 -1.29 2.23 9.33
CA SER A 192 -0.72 2.49 10.64
C SER A 192 -1.36 1.71 11.76
N ALA A 193 -2.67 1.79 11.85
CA ALA A 193 -3.38 1.30 13.01
C ALA A 193 -4.77 0.78 12.68
N TYR A 194 -5.19 -0.30 13.31
CA TYR A 194 -6.49 -0.87 13.01
C TYR A 194 -7.55 -0.19 13.89
N GLY A 195 -8.77 -0.68 13.85
CA GLY A 195 -9.93 -0.01 14.45
C GLY A 195 -10.25 1.27 13.72
N GLY A 196 -10.06 1.29 12.41
CA GLY A 196 -10.27 2.50 11.61
C GLY A 196 -9.21 3.59 11.68
N GLY A 197 -8.10 3.33 12.38
CA GLY A 197 -7.05 4.31 12.52
C GLY A 197 -7.02 4.99 13.88
N ALA A 198 -5.93 5.60 14.18
CA ALA A 198 -5.74 6.29 15.45
C ALA A 198 -6.25 7.73 15.31
N PRO A 199 -7.30 8.12 16.05
CA PRO A 199 -7.75 9.48 15.96
C PRO A 199 -6.70 10.54 16.16
N LEU A 200 -6.75 11.54 15.29
CA LEU A 200 -5.84 12.67 15.27
C LEU A 200 -4.40 12.35 14.98
N LEU A 201 -4.07 11.10 14.57
CA LEU A 201 -2.74 10.70 14.26
C LEU A 201 -2.64 10.08 12.85
N SER A 202 -3.53 9.16 12.53
CA SER A 202 -3.40 8.38 11.31
C SER A 202 -3.72 9.21 10.09
N ASP A 203 -4.34 10.39 10.30
CA ASP A 203 -4.66 11.33 9.21
C ASP A 203 -3.79 12.58 9.18
N THR A 204 -2.63 12.55 9.82
CA THR A 204 -1.79 13.72 9.99
C THR A 204 -0.40 13.53 9.41
N PHE A 205 0.40 14.58 9.42
CA PHE A 205 1.80 14.48 9.05
C PHE A 205 2.55 13.36 9.79
N ALA A 206 2.17 13.15 11.04
CA ALA A 206 2.84 12.14 11.88
C ALA A 206 2.66 10.74 11.31
N ALA A 207 1.57 10.50 10.61
CA ALA A 207 1.34 9.22 9.95
C ALA A 207 2.40 8.86 8.88
N GLY A 208 3.12 9.84 8.34
CA GLY A 208 4.02 9.64 7.24
C GLY A 208 5.26 8.88 7.60
N PHE A 209 5.66 8.90 8.88
CA PHE A 209 6.86 8.14 9.24
C PHE A 209 6.59 6.66 9.04
N MET A 210 5.49 6.14 9.59
CA MET A 210 5.11 4.74 9.38
C MET A 210 4.91 4.44 7.89
N TRP A 211 4.18 5.29 7.18
CA TRP A 211 3.89 5.01 5.77
C TRP A 211 5.16 4.96 4.90
N LEU A 212 6.02 5.96 5.02
CA LEU A 212 7.24 5.96 4.18
C LEU A 212 8.17 4.83 4.61
N ASP A 213 8.26 4.59 5.91
CA ASP A 213 9.14 3.50 6.36
C ASP A 213 8.66 2.14 5.87
N LYS A 214 7.36 1.94 5.91
CA LYS A 214 6.78 0.68 5.45
C LYS A 214 7.06 0.48 3.96
N LEU A 215 6.91 1.54 3.18
CA LEU A 215 7.26 1.47 1.77
C LEU A 215 8.74 1.15 1.51
N GLY A 216 9.62 1.80 2.24
CA GLY A 216 11.04 1.56 2.13
C GLY A 216 11.39 0.12 2.52
N LEU A 217 10.90 -0.34 3.67
CA LEU A 217 11.22 -1.73 4.10
C LEU A 217 10.59 -2.77 3.18
N SER A 218 9.37 -2.51 2.73
CA SER A 218 8.73 -3.45 1.87
C SER A 218 9.54 -3.63 0.57
N ALA A 219 9.92 -2.52 -0.01
CA ALA A 219 10.68 -2.58 -1.24
C ALA A 219 12.03 -3.27 -1.03
N ARG A 220 12.72 -2.87 0.05
CA ARG A 220 14.05 -3.45 0.35
C ARG A 220 14.00 -4.96 0.63
N MET A 221 12.89 -5.46 1.21
CA MET A 221 12.81 -6.85 1.64
C MET A 221 12.20 -7.80 0.63
N GLY A 222 11.72 -7.27 -0.47
CA GLY A 222 11.14 -8.17 -1.48
C GLY A 222 9.67 -8.21 -1.70
N ILE A 223 8.92 -7.36 -1.00
N ILE A 223 8.93 -7.34 -1.02
CA ILE A 223 7.49 -7.25 -1.21
CA ILE A 223 7.50 -7.21 -1.26
C ILE A 223 7.27 -6.43 -2.51
C ILE A 223 7.27 -6.41 -2.53
N GLU A 224 6.44 -6.95 -3.41
CA GLU A 224 6.31 -6.42 -4.78
C GLU A 224 5.30 -5.29 -4.94
N VAL A 225 4.26 -5.31 -4.10
CA VAL A 225 3.10 -4.38 -4.14
C VAL A 225 2.62 -4.19 -2.70
N VAL A 226 2.31 -2.92 -2.36
CA VAL A 226 1.79 -2.55 -1.03
C VAL A 226 0.49 -1.78 -1.24
N MET A 227 -0.60 -2.31 -0.70
CA MET A 227 -1.94 -1.71 -0.87
C MET A 227 -2.36 -0.94 0.39
N ARG A 228 -2.36 0.40 0.28
CA ARG A 228 -2.70 1.24 1.40
C ARG A 228 -4.20 1.24 1.70
N GLN A 229 -4.52 0.87 2.91
CA GLN A 229 -5.83 1.02 3.53
C GLN A 229 -5.93 2.41 4.12
N VAL A 230 -6.78 3.33 3.66
CA VAL A 230 -7.63 3.31 2.47
C VAL A 230 -7.38 4.57 1.64
N PHE A 231 -7.76 4.54 0.36
CA PHE A 231 -7.68 5.73 -0.47
C PHE A 231 -8.66 6.79 0.07
N PHE A 232 -9.88 6.34 0.34
CA PHE A 232 -11.04 7.16 0.76
C PHE A 232 -11.96 6.28 1.58
N GLY A 233 -12.53 6.81 2.66
CA GLY A 233 -13.48 6.12 3.49
C GLY A 233 -13.59 6.61 4.89
N ALA A 234 -14.32 5.87 5.71
CA ALA A 234 -14.64 6.30 7.07
C ALA A 234 -13.43 6.31 7.99
N GLY A 235 -12.50 5.38 7.82
CA GLY A 235 -11.35 5.35 8.74
C GLY A 235 -10.35 6.50 8.56
N ASN A 236 -9.83 6.92 9.73
N ASN A 236 -9.80 7.06 9.63
CA ASN A 236 -8.80 7.94 9.97
CA ASN A 236 -8.92 8.21 9.43
C ASN A 236 -7.55 7.79 9.04
C ASN A 236 -7.47 7.80 9.10
N TYR A 237 -7.26 6.54 8.67
CA TYR A 237 -6.12 6.20 7.85
C TYR A 237 -6.35 6.48 6.38
N HIS A 238 -7.50 7.05 6.02
CA HIS A 238 -7.70 7.48 4.64
C HIS A 238 -6.65 8.47 4.13
N LEU A 239 -6.33 8.34 2.85
CA LEU A 239 -5.46 9.26 2.14
C LEU A 239 -6.15 10.60 1.84
N VAL A 240 -7.45 10.51 1.62
CA VAL A 240 -8.33 11.65 1.28
C VAL A 240 -9.52 11.65 2.23
N ASP A 241 -9.80 12.82 2.81
CA ASP A 241 -10.82 12.93 3.84
C ASP A 241 -12.24 13.02 3.23
N GLU A 242 -13.24 13.04 4.10
CA GLU A 242 -14.64 12.99 3.64
C GLU A 242 -15.09 14.24 2.85
N ASN A 243 -14.29 15.30 2.89
CA ASN A 243 -14.51 16.49 2.07
C ASN A 243 -13.79 16.45 0.72
N PHE A 244 -13.21 15.28 0.37
CA PHE A 244 -12.42 15.06 -0.80
C PHE A 244 -11.11 15.90 -0.75
N ASP A 245 -10.65 16.26 0.43
CA ASP A 245 -9.35 16.93 0.59
C ASP A 245 -8.23 15.93 0.85
N PRO A 246 -7.11 16.08 0.12
CA PRO A 246 -5.98 15.17 0.37
C PRO A 246 -5.23 15.49 1.66
N LEU A 247 -4.87 14.46 2.42
CA LEU A 247 -4.14 14.56 3.68
C LEU A 247 -2.66 14.38 3.44
N PRO A 248 -1.83 14.58 4.47
CA PRO A 248 -0.42 14.58 4.21
C PRO A 248 0.09 13.28 3.53
N ASP A 249 -0.47 12.15 3.95
CA ASP A 249 -0.04 10.84 3.37
C ASP A 249 -0.41 10.75 1.87
N TYR A 250 -1.46 11.46 1.39
CA TYR A 250 -1.72 11.51 -0.02
C TYR A 250 -0.54 12.21 -0.75
N TRP A 251 -0.12 13.36 -0.25
CA TRP A 251 0.96 14.10 -0.91
C TRP A 251 2.30 13.33 -0.86
N LEU A 252 2.54 12.68 0.27
CA LEU A 252 3.70 11.78 0.39
C LEU A 252 3.65 10.67 -0.65
N SER A 253 2.46 10.06 -0.84
CA SER A 253 2.26 8.99 -1.76
C SER A 253 2.45 9.46 -3.21
N LEU A 254 1.97 10.70 -3.48
CA LEU A 254 2.11 11.26 -4.84
C LEU A 254 3.60 11.52 -5.16
N LEU A 255 4.32 12.09 -4.23
CA LEU A 255 5.74 12.29 -4.44
C LEU A 255 6.49 10.97 -4.65
N PHE A 256 6.18 9.97 -3.84
CA PHE A 256 6.81 8.63 -3.95
C PHE A 256 6.57 8.09 -5.33
N LYS A 257 5.32 8.17 -5.77
CA LYS A 257 4.96 7.73 -7.10
C LYS A 257 5.77 8.42 -8.22
N LYS A 258 5.95 9.72 -8.10
CA LYS A 258 6.61 10.50 -9.14
C LYS A 258 8.12 10.27 -9.17
N LEU A 259 8.73 10.02 -8.01
CA LEU A 259 10.18 10.03 -7.89
C LEU A 259 10.87 8.66 -7.76
N VAL A 260 10.18 7.68 -7.18
CA VAL A 260 10.80 6.41 -6.79
C VAL A 260 10.57 5.36 -7.85
N GLY A 261 11.67 4.81 -8.38
CA GLY A 261 11.61 3.81 -9.44
C GLY A 261 11.39 2.40 -8.96
N THR A 262 11.27 1.48 -9.93
CA THR A 262 11.06 0.06 -9.67
C THR A 262 12.27 -0.71 -9.17
N LYS A 263 13.48 -0.27 -9.49
CA LYS A 263 14.66 -0.98 -9.14
C LYS A 263 15.15 -0.53 -7.81
N VAL A 264 15.15 -1.48 -6.88
CA VAL A 264 15.47 -1.20 -5.52
C VAL A 264 16.97 -1.41 -5.25
N LEU A 265 17.56 -0.45 -4.52
CA LEU A 265 18.94 -0.47 -4.14
C LEU A 265 19.06 -0.44 -2.63
N MET A 266 20.20 -0.06 -2.09
CA MET A 266 20.36 -0.06 -0.63
C MET A 266 21.16 1.17 -0.20
N ALA A 267 20.73 1.78 0.91
CA ALA A 267 21.52 2.81 1.60
C ALA A 267 21.59 2.44 3.05
N SER A 268 22.67 2.84 3.72
CA SER A 268 22.78 2.65 5.15
C SER A 268 23.65 3.72 5.72
N VAL A 269 23.53 3.92 7.03
CA VAL A 269 24.29 5.00 7.67
C VAL A 269 25.48 4.45 8.42
N GLN A 270 26.66 5.02 8.14
CA GLN A 270 27.93 4.56 8.77
C GLN A 270 27.91 4.85 10.24
N GLY A 271 28.57 4.00 11.02
CA GLY A 271 28.56 4.09 12.48
C GLY A 271 27.45 3.24 13.05
N SER A 272 26.53 2.82 12.16
CA SER A 272 25.66 1.69 12.39
C SER A 272 24.50 1.98 13.35
N LYS A 273 24.28 3.25 13.69
CA LYS A 273 23.04 3.63 14.34
C LYS A 273 21.99 3.39 13.25
N ARG A 274 21.16 2.37 13.41
CA ARG A 274 20.16 1.98 12.39
C ARG A 274 18.73 2.40 12.75
N ARG A 275 18.61 3.23 13.79
CA ARG A 275 17.39 3.36 14.47
C ARG A 275 16.65 4.61 13.96
N LYS A 276 17.16 5.81 14.20
CA LYS A 276 16.32 7.01 14.09
C LYS A 276 16.53 7.71 12.76
N LEU A 277 17.61 7.43 12.05
CA LEU A 277 17.81 7.97 10.73
C LEU A 277 17.68 6.80 9.80
N ARG A 278 16.62 6.79 9.01
CA ARG A 278 16.22 5.64 8.19
C ARG A 278 16.30 6.04 6.71
N VAL A 279 17.08 5.27 5.95
CA VAL A 279 17.40 5.61 4.56
C VAL A 279 17.16 4.48 3.58
N TYR A 280 16.67 4.88 2.40
CA TYR A 280 16.25 3.97 1.34
C TYR A 280 16.72 4.54 0.01
N LEU A 281 17.01 3.65 -0.93
CA LEU A 281 17.60 4.06 -2.23
C LEU A 281 17.03 3.20 -3.34
N HIS A 282 16.48 3.87 -4.37
CA HIS A 282 16.03 3.20 -5.58
C HIS A 282 16.62 3.98 -6.79
N CYS A 283 16.56 3.38 -7.97
CA CYS A 283 16.71 4.17 -9.17
C CYS A 283 15.55 5.15 -9.24
N THR A 284 15.79 6.31 -9.87
CA THR A 284 14.75 7.27 -10.09
C THR A 284 13.72 6.75 -11.08
N ASN A 285 12.45 7.08 -10.84
CA ASN A 285 11.35 6.68 -11.74
C ASN A 285 11.60 7.19 -13.20
N THR A 286 11.74 6.26 -14.13
CA THR A 286 12.04 6.62 -15.54
C THR A 286 10.89 7.35 -16.25
N ASP A 287 9.67 7.35 -15.71
CA ASP A 287 8.58 8.16 -16.27
C ASP A 287 8.63 9.64 -15.86
N ASN A 288 9.47 10.01 -14.90
CA ASN A 288 9.55 11.38 -14.50
C ASN A 288 10.33 12.08 -15.61
N PRO A 289 9.71 13.10 -16.25
CA PRO A 289 10.33 13.73 -17.40
C PRO A 289 11.60 14.47 -17.03
N ARG A 290 11.64 15.04 -15.80
CA ARG A 290 12.72 15.90 -15.36
C ARG A 290 14.03 15.16 -15.27
N TYR A 291 14.00 13.84 -15.04
CA TYR A 291 15.22 13.09 -14.78
C TYR A 291 15.54 12.13 -15.88
N LYS A 292 16.69 11.51 -15.77
CA LYS A 292 17.17 10.67 -16.84
C LYS A 292 17.72 9.36 -16.35
N GLU A 293 17.84 8.44 -17.29
CA GLU A 293 18.27 7.09 -17.04
C GLU A 293 19.58 7.15 -16.32
N GLY A 294 19.67 6.41 -15.22
CA GLY A 294 20.85 6.42 -14.38
C GLY A 294 20.75 7.24 -13.10
N ASP A 295 19.77 8.12 -13.02
CA ASP A 295 19.58 8.95 -11.78
C ASP A 295 19.10 8.05 -10.60
N LEU A 296 19.42 8.52 -9.41
CA LEU A 296 19.04 7.86 -8.16
C LEU A 296 18.06 8.67 -7.35
N THR A 297 17.16 7.97 -6.63
CA THR A 297 16.29 8.60 -5.65
C THR A 297 16.55 8.00 -4.28
N LEU A 298 17.10 8.83 -3.42
CA LEU A 298 17.26 8.57 -1.99
C LEU A 298 16.02 9.08 -1.26
N TYR A 299 15.53 8.36 -0.23
CA TYR A 299 14.55 8.94 0.66
C TYR A 299 14.94 8.62 2.07
N ALA A 300 14.64 9.54 2.96
CA ALA A 300 15.18 9.49 4.33
C ALA A 300 14.15 10.03 5.33
N ILE A 301 14.20 9.44 6.51
CA ILE A 301 13.33 9.74 7.62
C ILE A 301 14.21 10.08 8.81
N ASN A 302 13.94 11.21 9.46
CA ASN A 302 14.72 11.62 10.65
C ASN A 302 13.79 11.66 11.85
N LEU A 303 13.96 10.70 12.74
CA LEU A 303 13.18 10.60 13.96
C LEU A 303 13.97 11.15 15.17
N HIS A 304 15.12 11.74 14.93
CA HIS A 304 15.87 12.52 15.96
C HIS A 304 15.17 13.85 16.18
N ASN A 305 15.45 14.44 17.33
CA ASN A 305 14.90 15.76 17.67
C ASN A 305 15.76 16.95 17.25
N VAL A 306 16.80 16.67 16.46
CA VAL A 306 17.62 17.68 15.83
C VAL A 306 17.81 17.34 14.36
N THR A 307 18.16 18.36 13.61
CA THR A 307 18.50 18.24 12.23
C THR A 307 19.72 17.33 12.08
N LYS A 308 19.69 16.48 11.10
CA LYS A 308 20.87 15.72 10.63
C LYS A 308 21.28 16.12 9.21
N TYR A 309 22.60 16.00 8.91
CA TYR A 309 23.17 16.45 7.68
C TYR A 309 23.81 15.23 7.04
N LEU A 310 23.32 14.84 5.86
CA LEU A 310 23.77 13.56 5.26
C LEU A 310 24.77 13.83 4.17
N ARG A 311 25.85 13.05 4.16
CA ARG A 311 26.86 13.22 3.12
C ARG A 311 26.85 12.04 2.18
N LEU A 312 26.75 12.35 0.90
CA LEU A 312 26.73 11.34 -0.14
C LEU A 312 28.09 10.74 -0.38
N PRO A 313 28.15 9.46 -0.71
CA PRO A 313 29.45 8.79 -0.91
C PRO A 313 29.96 9.03 -2.32
N TYR A 314 31.28 8.89 -2.51
CA TYR A 314 31.85 8.87 -3.87
C TYR A 314 31.18 7.71 -4.67
N PRO A 315 30.83 7.85 -5.94
CA PRO A 315 31.11 8.99 -6.81
C PRO A 315 29.98 10.02 -6.95
N PHE A 316 29.12 10.15 -5.93
CA PHE A 316 27.97 11.01 -6.00
C PHE A 316 28.11 12.29 -5.18
N SER A 317 29.28 12.50 -4.55
CA SER A 317 29.45 13.61 -3.62
C SER A 317 29.22 15.00 -4.21
N ASN A 318 29.57 15.22 -5.49
CA ASN A 318 29.44 16.54 -6.11
C ASN A 318 28.34 16.69 -7.14
N LYS A 319 27.43 15.73 -7.20
CA LYS A 319 26.36 15.74 -8.16
C LYS A 319 25.32 16.77 -7.78
N GLN A 320 24.60 17.30 -8.76
CA GLN A 320 23.48 18.16 -8.50
C GLN A 320 22.39 17.27 -7.86
N VAL A 321 21.87 17.73 -6.73
CA VAL A 321 20.81 17.03 -5.99
C VAL A 321 19.58 17.92 -5.89
N ASP A 322 18.41 17.33 -6.15
CA ASP A 322 17.12 17.98 -6.05
C ASP A 322 16.45 17.50 -4.77
N LYS A 323 16.16 18.44 -3.88
CA LYS A 323 15.55 18.14 -2.59
C LYS A 323 14.03 18.26 -2.68
N TYR A 324 13.34 17.33 -2.01
CA TYR A 324 11.87 17.33 -1.89
C TYR A 324 11.53 17.02 -0.44
N LEU A 325 11.64 18.06 0.40
CA LEU A 325 11.51 17.96 1.84
C LEU A 325 10.08 18.29 2.28
N LEU A 326 9.46 17.37 3.04
CA LEU A 326 8.07 17.56 3.55
C LEU A 326 8.08 17.96 5.02
N ARG A 327 7.40 19.08 5.35
CA ARG A 327 7.25 19.52 6.73
C ARG A 327 5.81 19.97 6.97
N PRO A 328 5.32 19.87 8.20
CA PRO A 328 3.91 20.24 8.40
C PRO A 328 3.70 21.75 8.31
N LEU A 329 2.51 22.13 7.87
CA LEU A 329 2.04 23.53 8.00
C LEU A 329 1.46 23.73 9.40
N GLY A 330 1.85 24.80 10.06
CA GLY A 330 1.48 25.01 11.47
C GLY A 330 0.06 25.48 11.55
N PRO A 331 -0.49 25.58 12.74
CA PRO A 331 0.21 25.57 14.01
C PRO A 331 0.32 24.22 14.68
N HIS A 332 -0.21 23.14 14.08
CA HIS A 332 -0.34 21.83 14.79
C HIS A 332 0.85 20.85 14.59
N GLY A 333 1.92 21.33 14.01
CA GLY A 333 3.17 20.55 14.02
C GLY A 333 2.91 19.19 13.39
N LEU A 334 3.42 18.14 14.05
CA LEU A 334 3.30 16.79 13.51
C LEU A 334 1.88 16.34 13.44
N LEU A 335 0.99 17.00 14.17
CA LEU A 335 -0.45 16.67 14.14
C LEU A 335 -1.25 17.49 13.14
N SER A 336 -0.55 18.17 12.23
CA SER A 336 -1.16 18.94 11.16
C SER A 336 -1.74 18.00 10.06
N LYS A 337 -2.85 18.43 9.47
CA LYS A 337 -3.41 17.80 8.26
C LYS A 337 -2.99 18.50 6.98
N SER A 338 -2.06 19.44 7.08
CA SER A 338 -1.51 20.14 5.91
C SER A 338 0.00 20.04 5.85
N VAL A 339 0.52 19.97 4.65
CA VAL A 339 1.97 19.77 4.47
C VAL A 339 2.56 20.73 3.48
N GLN A 340 3.83 21.09 3.68
CA GLN A 340 4.56 21.90 2.73
C GLN A 340 5.71 21.12 2.12
N LEU A 341 5.91 21.31 0.83
CA LEU A 341 7.04 20.75 0.08
C LEU A 341 8.03 21.85 -0.14
N ASN A 342 9.20 21.75 0.45
CA ASN A 342 10.24 22.77 0.29
C ASN A 342 9.68 24.20 0.61
N GLY A 343 8.86 24.29 1.66
CA GLY A 343 8.26 25.56 2.13
C GLY A 343 7.02 26.06 1.40
N LEU A 344 6.48 25.28 0.46
CA LEU A 344 5.25 25.62 -0.30
C LEU A 344 4.15 24.66 0.08
N THR A 345 3.06 25.15 0.69
CA THR A 345 1.88 24.32 1.04
C THR A 345 1.35 23.60 -0.21
N LEU A 346 1.14 22.28 -0.09
CA LEU A 346 0.61 21.51 -1.15
C LEU A 346 -0.91 21.50 -1.13
N LYS A 347 -1.49 21.94 -2.24
CA LYS A 347 -2.93 21.97 -2.38
C LYS A 347 -3.29 21.94 -3.85
N MET A 348 -4.47 21.44 -4.14
N MET A 348 -4.51 21.51 -4.11
CA MET A 348 -4.94 21.33 -5.51
CA MET A 348 -5.02 21.42 -5.47
C MET A 348 -5.05 22.74 -6.12
C MET A 348 -5.04 22.80 -6.12
N VAL A 349 -4.71 22.86 -7.40
CA VAL A 349 -4.90 24.12 -8.18
C VAL A 349 -6.42 24.30 -8.37
N ASP A 350 -7.10 23.25 -8.80
CA ASP A 350 -8.57 23.19 -8.76
C ASP A 350 -9.00 21.72 -8.71
N ASP A 351 -10.30 21.43 -8.74
CA ASP A 351 -10.79 20.03 -8.69
C ASP A 351 -10.31 19.10 -9.77
N GLN A 352 -9.77 19.65 -10.85
CA GLN A 352 -9.25 18.88 -11.96
C GLN A 352 -7.71 18.86 -12.06
N THR A 353 -7.01 19.53 -11.15
CA THR A 353 -5.60 19.91 -11.39
C THR A 353 -4.73 19.78 -10.11
N LEU A 354 -3.90 18.73 -10.08
CA LEU A 354 -2.85 18.65 -9.08
C LEU A 354 -1.81 19.72 -9.30
N PRO A 355 -1.16 20.19 -8.24
CA PRO A 355 -0.12 21.19 -8.41
C PRO A 355 1.16 20.60 -8.94
N PRO A 356 2.06 21.44 -9.46
CA PRO A 356 3.39 20.96 -9.74
C PRO A 356 4.09 20.64 -8.42
N LEU A 357 5.05 19.73 -8.44
CA LEU A 357 5.77 19.32 -7.22
C LEU A 357 7.15 19.88 -7.37
N MET A 358 7.37 21.05 -6.79
CA MET A 358 8.59 21.76 -7.11
C MET A 358 9.78 21.39 -6.25
N GLU A 359 10.83 20.97 -6.94
CA GLU A 359 12.14 20.67 -6.33
C GLU A 359 12.85 21.91 -5.76
N LYS A 360 13.76 21.69 -4.82
CA LYS A 360 14.72 22.68 -4.38
C LYS A 360 16.11 22.16 -4.79
N PRO A 361 16.74 22.78 -5.81
CA PRO A 361 18.10 22.35 -6.20
C PRO A 361 19.09 22.73 -5.11
N LEU A 362 19.93 21.78 -4.68
CA LEU A 362 20.94 22.08 -3.68
C LEU A 362 22.26 22.50 -4.31
N ARG A 363 23.08 23.17 -3.52
CA ARG A 363 24.44 23.51 -3.95
C ARG A 363 25.22 22.20 -4.13
N PRO A 364 25.73 21.90 -5.34
CA PRO A 364 26.51 20.68 -5.54
C PRO A 364 27.63 20.51 -4.52
N GLY A 365 27.76 19.32 -3.95
CA GLY A 365 28.73 19.08 -2.88
C GLY A 365 28.27 19.40 -1.48
N SER A 366 27.09 20.03 -1.32
CA SER A 366 26.56 20.26 0.02
C SER A 366 25.98 19.00 0.66
N SER A 367 26.05 18.97 1.99
N SER A 367 25.99 19.01 2.00
CA SER A 367 25.40 17.94 2.79
CA SER A 367 25.39 17.95 2.81
C SER A 367 23.88 18.12 2.62
C SER A 367 23.89 18.14 2.82
N LEU A 368 23.16 17.03 2.78
CA LEU A 368 21.71 17.03 2.63
C LEU A 368 21.10 17.25 4.02
N GLY A 369 20.48 18.40 4.25
CA GLY A 369 19.85 18.68 5.51
C GLY A 369 18.47 18.05 5.71
N LEU A 370 18.30 17.38 6.84
CA LEU A 370 17.04 16.73 7.15
C LEU A 370 16.64 17.15 8.55
N PRO A 371 15.70 18.10 8.67
CA PRO A 371 15.25 18.55 10.00
C PRO A 371 14.72 17.46 10.88
N ALA A 372 14.74 17.70 12.19
CA ALA A 372 14.07 16.89 13.15
C ALA A 372 12.65 16.51 12.71
N PHE A 373 12.29 15.27 12.98
CA PHE A 373 10.95 14.80 12.72
C PHE A 373 10.43 15.18 11.34
N SER A 374 11.16 14.77 10.33
CA SER A 374 10.84 15.08 8.96
C SER A 374 11.22 13.95 8.01
N TYR A 375 10.76 14.03 6.76
CA TYR A 375 11.15 13.05 5.72
C TYR A 375 11.29 13.77 4.40
N SER A 376 12.18 13.27 3.57
CA SER A 376 12.50 13.93 2.31
C SER A 376 12.90 12.93 1.29
N PHE A 377 12.71 13.31 0.02
CA PHE A 377 13.33 12.64 -1.10
C PHE A 377 14.45 13.52 -1.62
N PHE A 378 15.47 12.88 -2.20
CA PHE A 378 16.61 13.55 -2.80
C PHE A 378 16.91 12.83 -4.12
N VAL A 379 16.81 13.54 -5.26
CA VAL A 379 17.18 12.97 -6.56
C VAL A 379 18.59 13.41 -6.93
N ILE A 380 19.43 12.43 -7.20
CA ILE A 380 20.85 12.64 -7.52
C ILE A 380 20.92 12.62 -9.03
N ARG A 381 21.08 13.83 -9.58
CA ARG A 381 21.07 14.01 -11.04
C ARG A 381 22.40 13.62 -11.66
N ASN A 382 22.31 13.06 -12.87
CA ASN A 382 23.47 12.57 -13.59
C ASN A 382 24.32 11.60 -12.79
N ALA A 383 23.63 10.79 -11.97
CA ALA A 383 24.28 9.77 -11.20
C ALA A 383 24.96 8.72 -12.06
N LYS A 384 24.46 8.53 -13.28
CA LYS A 384 25.01 7.55 -14.27
C LYS A 384 25.20 6.15 -13.70
N VAL A 385 24.22 5.69 -12.90
CA VAL A 385 24.33 4.34 -12.31
C VAL A 385 23.91 3.31 -13.36
N ALA A 386 24.83 2.45 -13.77
CA ALA A 386 24.57 1.42 -14.83
C ALA A 386 23.42 0.53 -14.52
N ALA A 387 23.27 0.15 -13.25
CA ALA A 387 22.16 -0.66 -12.81
C ALA A 387 20.81 -0.05 -13.06
N CYS A 388 20.77 1.29 -13.20
CA CYS A 388 19.54 2.01 -13.44
C CYS A 388 19.30 2.42 -14.91
N ILE A 389 20.14 1.94 -15.84
CA ILE A 389 20.02 2.30 -17.26
C ILE A 389 19.53 1.01 -17.90
N GLN B 4 29.14 16.35 14.83
CA GLN B 4 28.18 15.69 15.79
C GLN B 4 26.88 15.27 15.09
N ASP B 5 26.36 16.11 14.19
CA ASP B 5 25.08 15.83 13.48
C ASP B 5 25.27 15.57 12.00
N VAL B 6 26.51 15.27 11.56
CA VAL B 6 26.83 14.98 10.15
C VAL B 6 26.97 13.46 10.04
N VAL B 7 26.44 12.87 8.97
CA VAL B 7 26.35 11.42 8.89
C VAL B 7 26.72 11.02 7.47
N ASP B 8 27.56 10.01 7.36
CA ASP B 8 27.97 9.54 6.04
C ASP B 8 27.07 8.39 5.59
N LEU B 9 26.62 8.43 4.34
CA LEU B 9 25.78 7.34 3.79
C LEU B 9 26.69 6.43 2.96
N ASP B 10 26.40 5.13 3.00
CA ASP B 10 26.98 4.11 2.11
C ASP B 10 25.87 3.63 1.18
N PHE B 11 26.15 3.51 -0.11
CA PHE B 11 25.18 3.06 -1.10
C PHE B 11 25.64 1.79 -1.77
N PHE B 12 24.71 0.86 -1.98
CA PHE B 12 24.96 -0.29 -2.88
C PHE B 12 24.24 0.00 -4.16
N THR B 13 24.98 0.05 -5.27
CA THR B 13 24.44 0.44 -6.57
C THR B 13 24.85 -0.50 -7.71
N GLN B 14 25.47 -1.62 -7.40
CA GLN B 14 25.97 -2.53 -8.46
C GLN B 14 24.89 -3.16 -9.28
N GLU B 15 23.77 -3.56 -8.66
CA GLU B 15 22.65 -4.19 -9.38
C GLU B 15 21.37 -4.01 -8.57
N PRO B 16 20.19 -4.03 -9.23
CA PRO B 16 18.98 -4.00 -8.43
C PRO B 16 18.92 -5.22 -7.49
N LEU B 17 18.61 -4.96 -6.24
CA LEU B 17 18.40 -5.99 -5.25
C LEU B 17 17.02 -6.58 -5.33
N HIS B 18 16.04 -5.79 -5.74
CA HIS B 18 14.69 -6.23 -6.06
C HIS B 18 14.09 -5.33 -7.10
N LEU B 19 13.07 -5.82 -7.76
CA LEU B 19 12.27 -5.05 -8.72
C LEU B 19 10.85 -5.02 -8.16
N VAL B 20 10.32 -3.81 -7.85
CA VAL B 20 8.93 -3.72 -7.45
C VAL B 20 8.06 -3.51 -8.67
N SER B 21 6.79 -3.76 -8.51
CA SER B 21 5.84 -3.47 -9.59
C SER B 21 5.77 -1.96 -9.87
N PRO B 22 5.48 -1.54 -11.14
CA PRO B 22 5.16 -0.15 -11.37
C PRO B 22 3.99 0.34 -10.49
N SER B 23 3.13 -0.59 -10.08
CA SER B 23 2.02 -0.37 -9.16
C SER B 23 2.39 -0.67 -7.69
N PHE B 24 3.68 -0.61 -7.36
CA PHE B 24 4.15 -0.89 -5.99
C PHE B 24 3.28 -0.16 -4.93
N LEU B 25 3.04 1.14 -5.13
CA LEU B 25 2.22 1.90 -4.22
C LEU B 25 0.80 1.84 -4.73
N SER B 26 0.04 0.96 -4.12
CA SER B 26 -1.35 0.76 -4.46
C SER B 26 -2.28 1.16 -3.30
N VAL B 27 -3.57 1.06 -3.49
CA VAL B 27 -4.56 1.51 -2.53
C VAL B 27 -5.75 0.59 -2.42
N THR B 28 -6.49 0.72 -1.32
CA THR B 28 -7.75 0.02 -1.19
C THR B 28 -8.93 0.95 -1.02
N ILE B 29 -10.11 0.39 -1.23
CA ILE B 29 -11.39 0.95 -0.75
C ILE B 29 -12.02 -0.14 0.08
N ASP B 30 -12.39 0.18 1.31
CA ASP B 30 -12.95 -0.81 2.19
C ASP B 30 -14.33 -1.28 1.65
N ALA B 31 -14.53 -2.58 1.63
CA ALA B 31 -15.83 -3.17 1.23
C ALA B 31 -17.01 -2.48 1.90
N ASN B 32 -16.83 -2.02 3.12
CA ASN B 32 -17.91 -1.38 3.84
C ASN B 32 -18.45 -0.14 3.16
N LEU B 33 -17.64 0.52 2.35
CA LEU B 33 -18.05 1.76 1.72
C LEU B 33 -19.23 1.53 0.81
N ALA B 34 -19.33 0.35 0.24
CA ALA B 34 -20.47 0.05 -0.68
C ALA B 34 -21.79 -0.03 0.09
N THR B 35 -21.75 -0.06 1.42
CA THR B 35 -22.96 0.04 2.25
C THR B 35 -23.39 1.47 2.51
N ASP B 36 -22.60 2.47 2.09
CA ASP B 36 -22.99 3.86 2.26
C ASP B 36 -24.02 4.23 1.20
N PRO B 37 -25.15 4.88 1.61
CA PRO B 37 -26.18 5.27 0.63
C PRO B 37 -25.71 6.19 -0.45
N ARG B 38 -24.66 6.95 -0.19
CA ARG B 38 -24.14 7.91 -1.15
C ARG B 38 -22.92 7.39 -1.93
N PHE B 39 -22.74 6.05 -1.95
CA PHE B 39 -21.60 5.43 -2.63
C PHE B 39 -21.47 5.96 -4.07
N LEU B 40 -22.59 6.14 -4.79
CA LEU B 40 -22.52 6.56 -6.18
C LEU B 40 -22.00 7.99 -6.27
N ILE B 41 -22.41 8.86 -5.35
CA ILE B 41 -21.97 10.25 -5.33
C ILE B 41 -20.48 10.31 -5.00
N LEU B 42 -20.10 9.47 -4.05
CA LEU B 42 -18.71 9.50 -3.53
C LEU B 42 -17.72 9.15 -4.60
N LEU B 43 -17.92 8.02 -5.24
CA LEU B 43 -17.02 7.55 -6.25
C LEU B 43 -17.23 8.23 -7.62
N GLY B 44 -18.40 8.83 -7.85
CA GLY B 44 -18.55 9.74 -8.99
C GLY B 44 -17.83 11.08 -8.89
N SER B 45 -17.30 11.44 -7.72
CA SER B 45 -16.72 12.78 -7.51
C SER B 45 -15.59 13.08 -8.46
N PRO B 46 -15.70 14.18 -9.25
CA PRO B 46 -14.58 14.47 -10.13
C PRO B 46 -13.30 14.81 -9.37
N LYS B 47 -13.43 15.50 -8.24
CA LYS B 47 -12.26 15.86 -7.37
C LYS B 47 -11.50 14.56 -6.92
N LEU B 48 -12.26 13.58 -6.49
CA LEU B 48 -11.69 12.29 -6.02
C LEU B 48 -11.01 11.54 -7.12
N ARG B 49 -11.63 11.54 -8.30
CA ARG B 49 -11.04 10.86 -9.43
C ARG B 49 -9.75 11.50 -9.89
N THR B 50 -9.66 12.83 -9.80
CA THR B 50 -8.42 13.52 -10.10
C THR B 50 -7.30 13.06 -9.14
N LEU B 51 -7.67 12.99 -7.88
CA LEU B 51 -6.65 12.53 -6.85
C LEU B 51 -6.28 11.08 -7.13
N ALA B 52 -7.26 10.24 -7.42
CA ALA B 52 -6.94 8.83 -7.75
C ALA B 52 -6.04 8.68 -8.97
N ARG B 53 -6.32 9.44 -10.04
CA ARG B 53 -5.44 9.47 -11.23
C ARG B 53 -3.97 9.79 -10.96
N GLY B 54 -3.70 10.64 -9.98
CA GLY B 54 -2.34 10.95 -9.60
C GLY B 54 -1.54 9.74 -9.11
N LEU B 55 -2.24 8.71 -8.62
CA LEU B 55 -1.52 7.51 -8.14
C LEU B 55 -1.43 6.40 -9.16
N SER B 56 -2.03 6.58 -10.34
CA SER B 56 -1.84 5.64 -11.43
C SER B 56 -0.39 5.56 -11.89
N PRO B 57 0.15 4.38 -12.23
CA PRO B 57 -0.53 3.11 -12.20
C PRO B 57 -0.57 2.55 -10.77
N ALA B 58 -1.67 1.92 -10.48
CA ALA B 58 -1.91 1.30 -9.18
C ALA B 58 -3.04 0.32 -9.26
N TYR B 59 -3.01 -0.68 -8.37
CA TYR B 59 -4.15 -1.46 -8.06
C TYR B 59 -5.09 -0.73 -7.11
N LEU B 60 -6.40 -0.94 -7.30
CA LEU B 60 -7.43 -0.56 -6.36
C LEU B 60 -8.11 -1.82 -5.86
N ARG B 61 -7.83 -2.19 -4.60
CA ARG B 61 -8.38 -3.37 -4.02
C ARG B 61 -9.65 -3.07 -3.23
N PHE B 62 -10.78 -3.62 -3.69
CA PHE B 62 -12.02 -3.46 -3.00
C PHE B 62 -12.23 -4.62 -2.06
N GLY B 63 -12.12 -4.37 -0.76
CA GLY B 63 -12.19 -5.44 0.19
C GLY B 63 -12.02 -4.97 1.59
N GLY B 64 -12.33 -5.86 2.51
CA GLY B 64 -12.23 -5.55 3.96
C GLY B 64 -13.08 -6.55 4.71
N THR B 65 -13.34 -6.31 6.01
CA THR B 65 -14.11 -7.29 6.77
C THR B 65 -15.44 -7.60 6.08
N LYS B 66 -16.10 -6.54 5.57
CA LYS B 66 -17.40 -6.69 4.88
C LYS B 66 -17.37 -7.54 3.63
N THR B 67 -16.19 -7.81 3.06
CA THR B 67 -16.05 -8.72 1.92
C THR B 67 -16.83 -10.05 2.11
N ASP B 68 -16.79 -10.56 3.33
CA ASP B 68 -17.36 -11.84 3.60
C ASP B 68 -18.81 -11.73 4.17
N PHE B 69 -19.39 -10.55 4.05
CA PHE B 69 -20.81 -10.27 4.44
C PHE B 69 -21.54 -9.49 3.33
N LEU B 70 -21.05 -9.61 2.10
CA LEU B 70 -21.64 -8.93 0.93
C LEU B 70 -22.07 -9.95 -0.08
N ILE B 71 -23.33 -9.83 -0.51
CA ILE B 71 -23.89 -10.76 -1.48
C ILE B 71 -24.40 -9.96 -2.68
N PHE B 72 -24.08 -10.44 -3.87
CA PHE B 72 -24.48 -9.81 -5.11
C PHE B 72 -25.95 -10.15 -5.31
N ASP B 73 -26.73 -9.14 -5.64
CA ASP B 73 -28.16 -9.31 -5.96
C ASP B 73 -28.41 -8.63 -7.31
N PRO B 74 -28.48 -9.43 -8.40
CA PRO B 74 -28.82 -8.87 -9.74
C PRO B 74 -30.17 -8.12 -9.88
N LYS B 75 -31.12 -8.31 -8.95
CA LYS B 75 -32.45 -7.68 -9.04
C LYS B 75 -32.44 -6.23 -8.54
N LYS B 76 -31.56 -5.92 -7.58
CA LYS B 76 -31.56 -4.64 -6.85
C LYS B 76 -31.28 -3.45 -7.79
N GLU B 77 -31.96 -2.31 -7.55
CA GLU B 77 -31.75 -1.08 -8.36
C GLU B 77 -30.81 -0.15 -7.60
#